data_3G48
#
_entry.id   3G48
#
_cell.length_a   39.359
_cell.length_b   67.564
_cell.length_c   74.642
_cell.angle_alpha   90.00
_cell.angle_beta   90.00
_cell.angle_gamma   90.00
#
_symmetry.space_group_name_H-M   'P 21 21 21'
#
loop_
_entity.id
_entity.type
_entity.pdbx_description
1 polymer 'Chaperone CsaA'
2 non-polymer 1,2-ETHANEDIOL
3 non-polymer 'SULFATE ION'
4 non-polymer GLYCEROL
5 water water
#
_entity_poly.entity_id   1
_entity_poly.type   'polypeptide(L)'
_entity_poly.pdbx_seq_one_letter_code
;SNAMANFEDFLTLDLRIGTVTHAEEFKEARVPAIRLEIDFGELGMKQSSAQITKRYNPEDLIGQQIVAVVNFPPKRVAGF
KSEVLVLGGVPEAGDVVLLQPNMELPNGTKIS
;
_entity_poly.pdbx_strand_id   A,B
#
loop_
_chem_comp.id
_chem_comp.type
_chem_comp.name
_chem_comp.formula
EDO non-polymer 1,2-ETHANEDIOL 'C2 H6 O2'
GOL non-polymer GLYCEROL 'C3 H8 O3'
SO4 non-polymer 'SULFATE ION' 'O4 S -2'
#
# COMPACT_ATOMS: atom_id res chain seq x y z
N ALA A 3 16.10 2.94 33.53
CA ALA A 3 14.65 2.62 33.67
C ALA A 3 14.34 1.18 33.32
N MET A 4 13.54 0.52 34.17
CA MET A 4 13.30 -0.93 34.08
C MET A 4 11.93 -1.32 33.60
N ALA A 5 11.92 -2.28 32.70
CA ALA A 5 10.71 -2.66 32.02
C ALA A 5 10.06 -3.86 32.73
N ASN A 6 8.76 -4.02 32.51
CA ASN A 6 8.01 -5.12 33.12
C ASN A 6 7.84 -6.24 32.10
N PHE A 7 8.17 -7.46 32.48
CA PHE A 7 8.06 -8.55 31.53
C PHE A 7 6.60 -8.77 31.00
N GLU A 8 5.62 -8.49 31.81
CA GLU A 8 4.22 -8.65 31.40
C GLU A 8 3.90 -7.74 30.25
N ASP A 9 4.51 -6.56 30.19
CA ASP A 9 4.27 -5.61 29.10
C ASP A 9 4.84 -6.21 27.82
N PHE A 10 6.05 -6.79 27.89
CA PHE A 10 6.65 -7.48 26.75
C PHE A 10 5.73 -8.61 26.24
N LEU A 11 5.11 -9.37 27.16
CA LEU A 11 4.21 -10.46 26.78
C LEU A 11 2.96 -10.02 26.02
N THR A 12 2.60 -8.74 26.09
CA THR A 12 1.51 -8.24 25.29
C THR A 12 1.83 -8.07 23.84
N LEU A 13 3.11 -8.03 23.48
CA LEU A 13 3.56 -7.77 22.09
C LEU A 13 3.51 -9.05 21.28
N ASP A 14 3.11 -8.94 20.02
CA ASP A 14 3.13 -10.08 19.10
C ASP A 14 4.19 -9.81 18.05
N LEU A 15 5.38 -10.35 18.26
CA LEU A 15 6.45 -10.27 17.27
C LEU A 15 6.44 -11.52 16.43
N ARG A 16 6.57 -11.29 15.14
CA ARG A 16 6.42 -12.37 14.12
C ARG A 16 7.49 -12.26 13.05
N ILE A 17 7.85 -13.41 12.45
CA ILE A 17 8.61 -13.49 11.20
C ILE A 17 7.70 -13.37 10.00
N GLY A 18 8.14 -12.61 9.00
CA GLY A 18 7.43 -12.54 7.73
C GLY A 18 8.41 -12.48 6.59
N THR A 19 7.94 -12.81 5.39
CA THR A 19 8.81 -12.73 4.22
C THR A 19 8.37 -11.59 3.31
N VAL A 20 9.28 -10.74 2.88
CA VAL A 20 8.96 -9.68 1.91
C VAL A 20 8.66 -10.31 0.56
N THR A 21 7.47 -10.09 -0.01
CA THR A 21 7.08 -10.63 -1.32
C THR A 21 7.11 -9.57 -2.41
N HIS A 22 7.03 -8.29 -2.03
CA HIS A 22 7.02 -7.17 -3.01
CA HIS A 22 7.00 -7.18 -2.99
C HIS A 22 7.58 -5.97 -2.31
N ALA A 23 8.28 -5.13 -3.03
CA ALA A 23 8.95 -3.95 -2.46
C ALA A 23 9.11 -2.92 -3.55
N GLU A 24 8.92 -1.65 -3.21
CA GLU A 24 9.00 -0.55 -4.17
C GLU A 24 9.52 0.71 -3.46
N GLU A 25 10.47 1.40 -4.06
CA GLU A 25 10.92 2.71 -3.56
CA GLU A 25 10.89 2.70 -3.49
C GLU A 25 9.82 3.76 -3.76
N PHE A 26 9.60 4.59 -2.75
CA PHE A 26 8.66 5.69 -2.84
C PHE A 26 9.05 6.77 -1.85
N LYS A 27 8.25 7.86 -1.81
CA LYS A 27 8.48 8.98 -0.88
C LYS A 27 7.32 8.98 0.09
N GLU A 28 7.64 8.87 1.35
CA GLU A 28 6.64 8.90 2.37
C GLU A 28 6.81 10.28 3.02
N ALA A 29 5.85 11.18 2.83
CA ALA A 29 5.96 12.53 3.34
C ALA A 29 7.33 13.15 2.95
N ARG A 30 7.70 12.98 1.70
CA ARG A 30 8.95 13.46 1.12
C ARG A 30 10.24 12.81 1.66
N VAL A 31 10.12 11.66 2.35
CA VAL A 31 11.29 10.91 2.78
C VAL A 31 11.41 9.61 1.95
N PRO A 32 12.58 9.37 1.30
CA PRO A 32 12.77 8.08 0.64
C PRO A 32 12.51 6.92 1.59
N ALA A 33 11.77 5.94 1.10
CA ALA A 33 11.34 4.76 1.86
C ALA A 33 11.08 3.62 0.93
N ILE A 34 10.87 2.43 1.48
CA ILE A 34 10.50 1.25 0.69
C ILE A 34 9.16 0.72 1.19
N ARG A 35 8.19 0.61 0.31
CA ARG A 35 6.88 0.10 0.64
C ARG A 35 6.96 -1.41 0.51
N LEU A 36 6.57 -2.14 1.53
CA LEU A 36 6.75 -3.60 1.57
C LEU A 36 5.38 -4.30 1.69
N GLU A 37 5.23 -5.39 0.95
CA GLU A 37 4.16 -6.34 1.22
C GLU A 37 4.84 -7.61 1.78
N ILE A 38 4.33 -8.10 2.90
CA ILE A 38 5.00 -9.09 3.74
C ILE A 38 4.04 -10.22 4.05
N ASP A 39 4.49 -11.46 3.85
CA ASP A 39 3.70 -12.65 4.11
C ASP A 39 3.98 -13.13 5.53
N PHE A 40 2.97 -13.07 6.40
CA PHE A 40 3.03 -13.53 7.79
C PHE A 40 2.32 -14.85 8.03
N GLY A 41 2.28 -15.72 7.03
CA GLY A 41 1.79 -17.08 7.25
C GLY A 41 0.31 -17.10 7.61
N GLU A 42 -0.04 -17.66 8.75
CA GLU A 42 -1.42 -17.71 9.20
C GLU A 42 -2.09 -16.34 9.32
N LEU A 43 -1.31 -15.28 9.53
CA LEU A 43 -1.86 -13.89 9.63
C LEU A 43 -2.10 -13.22 8.28
N GLY A 44 -1.63 -13.89 7.22
CA GLY A 44 -1.70 -13.38 5.87
C GLY A 44 -0.75 -12.26 5.50
N MET A 45 -1.11 -11.54 4.44
CA MET A 45 -0.31 -10.47 3.88
CA MET A 45 -0.28 -10.44 3.90
C MET A 45 -0.52 -9.19 4.68
N LYS A 46 0.55 -8.46 4.93
CA LYS A 46 0.46 -7.13 5.55
C LYS A 46 1.34 -6.14 4.82
N GLN A 47 0.98 -4.86 4.85
CA GLN A 47 1.77 -3.82 4.23
C GLN A 47 2.49 -2.99 5.29
N SER A 48 3.70 -2.52 4.99
CA SER A 48 4.47 -1.64 5.85
C SER A 48 5.35 -0.71 5.05
N SER A 49 5.72 0.44 5.61
CA SER A 49 6.73 1.33 4.99
C SER A 49 7.93 1.23 5.92
N ALA A 50 9.12 1.22 5.33
CA ALA A 50 10.33 1.26 6.08
C ALA A 50 11.33 2.23 5.47
N GLN A 51 11.95 3.06 6.32
CA GLN A 51 12.93 4.04 5.82
C GLN A 51 14.30 3.37 5.79
N ILE A 52 14.45 2.43 4.85
CA ILE A 52 15.59 1.53 4.75
C ILE A 52 16.41 1.69 3.46
N THR A 53 16.29 2.85 2.80
CA THR A 53 16.95 3.09 1.52
C THR A 53 18.47 3.23 1.59
N LYS A 54 19.01 3.53 2.78
CA LYS A 54 20.46 3.68 2.89
C LYS A 54 21.16 2.39 2.50
N ARG A 55 20.67 1.30 3.06
CA ARG A 55 21.33 0.01 2.89
C ARG A 55 20.63 -1.02 2.03
N TYR A 56 19.38 -0.77 1.66
CA TYR A 56 18.55 -1.73 0.95
C TYR A 56 17.99 -1.15 -0.33
N ASN A 57 17.83 -2.05 -1.30
CA ASN A 57 17.07 -1.76 -2.53
C ASN A 57 15.94 -2.79 -2.65
N PRO A 58 14.88 -2.47 -3.39
CA PRO A 58 13.73 -3.38 -3.47
C PRO A 58 14.05 -4.78 -3.96
N GLU A 59 14.90 -4.87 -4.99
CA GLU A 59 15.30 -6.12 -5.58
C GLU A 59 15.86 -7.11 -4.60
N ASP A 60 16.76 -6.65 -3.74
CA ASP A 60 17.41 -7.60 -2.85
CA ASP A 60 17.43 -7.52 -2.78
C ASP A 60 16.58 -7.91 -1.60
N LEU A 61 15.46 -7.22 -1.42
CA LEU A 61 14.55 -7.53 -0.31
C LEU A 61 13.64 -8.72 -0.60
N ILE A 62 13.37 -8.96 -1.88
CA ILE A 62 12.39 -10.00 -2.22
C ILE A 62 12.87 -11.36 -1.72
N GLY A 63 12.03 -12.01 -0.92
CA GLY A 63 12.36 -13.32 -0.33
C GLY A 63 13.10 -13.25 0.99
N GLN A 64 13.39 -12.05 1.44
CA GLN A 64 14.06 -11.87 2.71
C GLN A 64 13.07 -11.97 3.86
N GLN A 65 13.51 -12.56 4.98
CA GLN A 65 12.67 -12.64 6.18
C GLN A 65 13.04 -11.54 7.16
N ILE A 66 11.99 -10.93 7.67
CA ILE A 66 12.09 -9.81 8.61
C ILE A 66 11.35 -10.13 9.89
N VAL A 67 11.50 -9.22 10.85
CA VAL A 67 10.87 -9.31 12.14
C VAL A 67 9.99 -8.10 12.36
N ALA A 68 8.75 -8.30 12.75
CA ALA A 68 7.83 -7.18 12.96
C ALA A 68 6.92 -7.38 14.15
N VAL A 69 6.52 -6.27 14.76
CA VAL A 69 5.41 -6.29 15.74
C VAL A 69 4.13 -6.14 14.96
N VAL A 70 3.21 -7.05 15.15
CA VAL A 70 1.98 -7.10 14.29
C VAL A 70 0.69 -6.69 14.96
N ASN A 71 0.71 -6.43 16.27
CA ASN A 71 -0.51 -6.11 16.98
C ASN A 71 -0.58 -4.74 17.56
N PHE A 72 0.07 -3.76 16.94
CA PHE A 72 -0.17 -2.37 17.28
C PHE A 72 -1.30 -1.86 16.38
N PRO A 73 -1.99 -0.79 16.81
CA PRO A 73 -2.87 -0.10 15.85
C PRO A 73 -2.06 0.38 14.64
N PRO A 74 -2.69 0.44 13.47
CA PRO A 74 -1.91 0.82 12.27
C PRO A 74 -1.36 2.24 12.33
N LYS A 75 -0.24 2.45 11.67
CA LYS A 75 0.37 3.74 11.58
C LYS A 75 0.04 4.31 10.23
N ARG A 76 -0.41 5.55 10.20
CA ARG A 76 -0.78 6.25 8.97
C ARG A 76 0.08 7.48 8.81
N VAL A 77 0.69 7.60 7.63
CA VAL A 77 1.45 8.76 7.26
C VAL A 77 0.90 9.15 5.91
N ALA A 78 0.24 10.29 5.75
CA ALA A 78 0.09 10.84 4.38
C ALA A 78 -0.53 9.85 3.37
N GLY A 79 -1.60 9.18 3.79
CA GLY A 79 -2.31 8.14 2.97
C GLY A 79 -1.78 6.71 3.05
N PHE A 80 -0.60 6.56 3.62
CA PHE A 80 0.06 5.24 3.65
C PHE A 80 -0.20 4.59 5.01
N LYS A 81 -0.94 3.48 5.01
CA LYS A 81 -1.18 2.69 6.21
C LYS A 81 -0.09 1.64 6.38
N SER A 82 0.49 1.58 7.58
CA SER A 82 1.48 0.51 7.86
C SER A 82 0.85 -0.33 8.94
N GLU A 83 0.72 -1.61 8.68
CA GLU A 83 -0.02 -2.51 9.56
C GLU A 83 0.87 -3.28 10.55
N VAL A 84 2.19 -3.27 10.29
CA VAL A 84 3.17 -3.90 11.13
C VAL A 84 4.33 -2.97 11.26
N LEU A 85 5.05 -3.06 12.37
CA LEU A 85 6.29 -2.31 12.61
C LEU A 85 7.50 -3.26 12.36
N VAL A 86 8.21 -2.97 11.27
CA VAL A 86 9.40 -3.77 10.91
C VAL A 86 10.57 -3.27 11.74
N LEU A 87 11.24 -4.21 12.41
CA LEU A 87 12.26 -3.88 13.38
C LEU A 87 13.64 -3.91 12.78
N GLY A 88 14.45 -2.94 13.22
CA GLY A 88 15.81 -2.82 12.74
C GLY A 88 16.67 -2.09 13.80
N GLY A 89 17.99 -2.27 13.71
CA GLY A 89 18.97 -1.50 14.48
C GLY A 89 19.25 -0.14 13.81
N VAL A 90 19.39 0.90 14.60
CA VAL A 90 19.58 2.25 14.10
C VAL A 90 20.85 2.82 14.70
N PRO A 91 22.01 2.59 14.04
CA PRO A 91 23.26 2.99 14.68
C PRO A 91 23.54 4.47 14.56
N GLU A 92 22.92 5.14 13.59
CA GLU A 92 22.98 6.60 13.46
C GLU A 92 21.75 7.05 12.66
N ALA A 93 21.45 8.34 12.66
CA ALA A 93 20.28 8.85 11.98
C ALA A 93 20.34 8.51 10.52
N GLY A 94 19.21 7.99 10.01
CA GLY A 94 19.07 7.60 8.62
C GLY A 94 19.57 6.24 8.24
N ASP A 95 20.15 5.52 9.19
CA ASP A 95 20.83 4.21 8.93
C ASP A 95 20.05 3.17 9.67
N VAL A 96 19.51 2.20 8.93
CA VAL A 96 18.74 1.11 9.50
C VAL A 96 19.33 -0.20 8.98
N VAL A 97 19.58 -1.16 9.86
CA VAL A 97 19.95 -2.53 9.47
C VAL A 97 18.81 -3.43 9.98
N LEU A 98 18.17 -4.17 9.06
CA LEU A 98 17.03 -5.00 9.44
C LEU A 98 17.41 -6.18 10.33
N LEU A 99 16.53 -6.54 11.26
CA LEU A 99 16.61 -7.82 11.92
C LEU A 99 16.16 -8.93 11.01
N GLN A 100 16.68 -10.14 11.27
CA GLN A 100 16.31 -11.31 10.50
C GLN A 100 16.50 -12.55 11.36
N PRO A 101 15.83 -13.64 11.03
CA PRO A 101 16.19 -14.89 11.73
C PRO A 101 17.54 -15.45 11.22
N ASN A 102 18.28 -16.10 12.11
CA ASN A 102 19.59 -16.66 11.76
C ASN A 102 19.50 -17.84 10.82
N MET A 103 18.33 -18.48 10.81
CA MET A 103 18.02 -19.58 9.89
C MET A 103 16.58 -19.41 9.44
N GLU A 104 16.19 -20.08 8.36
CA GLU A 104 14.85 -19.95 7.84
C GLU A 104 13.81 -20.43 8.83
N LEU A 105 12.73 -19.67 8.94
CA LEU A 105 11.60 -20.01 9.81
C LEU A 105 10.30 -19.95 8.99
N PRO A 106 9.27 -20.71 9.40
CA PRO A 106 7.98 -20.54 8.75
C PRO A 106 7.46 -19.13 8.91
N ASN A 107 6.83 -18.60 7.87
CA ASN A 107 6.20 -17.29 8.03
C ASN A 107 5.17 -17.35 9.15
N GLY A 108 5.05 -16.26 9.92
CA GLY A 108 4.13 -16.22 11.04
C GLY A 108 4.72 -16.80 12.33
N THR A 109 5.96 -17.32 12.31
CA THR A 109 6.59 -17.83 13.55
C THR A 109 6.65 -16.72 14.62
N LYS A 110 6.28 -17.07 15.82
CA LYS A 110 6.29 -16.16 16.96
C LYS A 110 7.64 -16.05 17.59
N ILE A 111 7.94 -14.86 18.08
CA ILE A 111 9.25 -14.54 18.70
C ILE A 111 9.05 -14.38 20.20
N SER A 112 9.96 -14.99 20.96
CA SER A 112 9.94 -14.85 22.43
C SER A 112 11.35 -14.86 22.96
N ALA B 3 -28.12 -3.55 -24.49
CA ALA B 3 -27.32 -4.71 -25.01
C ALA B 3 -26.73 -5.60 -23.89
N MET B 4 -26.96 -6.90 -24.02
CA MET B 4 -26.51 -7.90 -23.07
C MET B 4 -25.00 -8.08 -23.11
N ALA B 5 -24.40 -8.22 -21.94
CA ALA B 5 -22.97 -8.36 -21.81
C ALA B 5 -22.55 -9.81 -21.51
N ASN B 6 -21.30 -10.10 -21.85
CA ASN B 6 -20.64 -11.39 -21.62
C ASN B 6 -19.84 -11.33 -20.27
N PHE B 7 -20.17 -12.23 -19.35
CA PHE B 7 -19.42 -12.36 -18.14
C PHE B 7 -17.94 -12.65 -18.36
N GLU B 8 -17.57 -13.37 -19.39
CA GLU B 8 -16.15 -13.60 -19.64
C GLU B 8 -15.41 -12.30 -19.97
N ASP B 9 -16.06 -11.30 -20.58
CA ASP B 9 -15.44 -9.97 -20.72
C ASP B 9 -15.18 -9.31 -19.37
N PHE B 10 -16.10 -9.43 -18.41
CA PHE B 10 -15.89 -8.91 -17.08
C PHE B 10 -14.69 -9.58 -16.42
N LEU B 11 -14.56 -10.89 -16.63
CA LEU B 11 -13.45 -11.61 -16.01
C LEU B 11 -12.10 -11.18 -16.58
N THR B 12 -12.05 -10.60 -17.79
CA THR B 12 -10.78 -10.08 -18.30
C THR B 12 -10.32 -8.83 -17.54
N LEU B 13 -11.24 -8.14 -16.84
CA LEU B 13 -10.91 -6.91 -16.17
C LEU B 13 -10.32 -7.23 -14.81
N ASP B 14 -9.33 -6.44 -14.39
CA ASP B 14 -8.79 -6.58 -13.08
C ASP B 14 -9.22 -5.40 -12.24
N LEU B 15 -10.27 -5.57 -11.47
CA LEU B 15 -10.79 -4.50 -10.61
C LEU B 15 -10.22 -4.63 -9.21
N ARG B 16 -9.64 -3.56 -8.72
CA ARG B 16 -8.93 -3.56 -7.45
C ARG B 16 -9.31 -2.41 -6.58
N ILE B 17 -9.10 -2.58 -5.31
CA ILE B 17 -9.15 -1.51 -4.34
C ILE B 17 -7.74 -0.92 -4.20
N GLY B 18 -7.66 0.41 -4.06
CA GLY B 18 -6.44 1.10 -3.74
C GLY B 18 -6.70 2.29 -2.89
N THR B 19 -5.65 2.83 -2.27
CA THR B 19 -5.79 4.02 -1.42
C THR B 19 -5.06 5.19 -2.05
N VAL B 20 -5.74 6.34 -2.14
CA VAL B 20 -5.12 7.55 -2.70
C VAL B 20 -4.11 8.07 -1.71
N THR B 21 -2.87 8.28 -2.21
CA THR B 21 -1.77 8.75 -1.38
C THR B 21 -1.30 10.12 -1.71
N HIS B 22 -1.65 10.62 -2.88
CA HIS B 22 -1.31 11.97 -3.29
C HIS B 22 -2.30 12.42 -4.32
N ALA B 23 -2.62 13.72 -4.30
CA ALA B 23 -3.64 14.29 -5.19
C ALA B 23 -3.26 15.71 -5.44
N GLU B 24 -3.30 16.07 -6.70
CA GLU B 24 -2.97 17.43 -7.06
C GLU B 24 -3.72 17.93 -8.30
N GLU B 25 -4.05 19.22 -8.27
CA GLU B 25 -4.82 19.89 -9.31
C GLU B 25 -4.07 21.16 -9.71
N PHE B 26 -4.03 21.42 -11.01
CA PHE B 26 -3.37 22.59 -11.55
C PHE B 26 -4.40 23.63 -11.95
N PRO B 32 -9.84 19.58 -16.77
CA PRO B 32 -10.38 19.59 -15.41
C PRO B 32 -10.23 18.24 -14.77
N ALA B 33 -9.05 18.00 -14.25
CA ALA B 33 -8.81 16.72 -13.62
C ALA B 33 -7.91 16.86 -12.41
N ILE B 34 -7.91 15.79 -11.62
CA ILE B 34 -6.99 15.63 -10.49
C ILE B 34 -6.03 14.48 -10.79
N ARG B 35 -4.73 14.73 -10.61
CA ARG B 35 -3.69 13.74 -10.73
C ARG B 35 -3.60 13.00 -9.39
N LEU B 36 -3.68 11.68 -9.47
CA LEU B 36 -3.64 10.83 -8.31
C LEU B 36 -2.49 9.83 -8.37
N GLU B 37 -1.94 9.60 -7.19
CA GLU B 37 -1.09 8.42 -6.96
CA GLU B 37 -1.06 8.45 -6.90
C GLU B 37 -1.82 7.54 -5.95
N ILE B 38 -1.80 6.26 -6.21
CA ILE B 38 -2.67 5.31 -5.46
C ILE B 38 -1.89 4.01 -5.16
N ASP B 39 -2.04 3.52 -3.94
CA ASP B 39 -1.37 2.34 -3.45
C ASP B 39 -2.26 1.11 -3.72
N PHE B 40 -1.82 0.21 -4.62
CA PHE B 40 -2.52 -1.03 -4.92
C PHE B 40 -1.86 -2.28 -4.34
N GLY B 41 -1.17 -2.13 -3.22
CA GLY B 41 -0.65 -3.33 -2.56
C GLY B 41 0.43 -4.01 -3.36
N GLU B 42 0.27 -5.32 -3.51
CA GLU B 42 1.21 -6.15 -4.29
C GLU B 42 1.37 -5.69 -5.72
N LEU B 43 0.37 -4.95 -6.25
CA LEU B 43 0.50 -4.40 -7.60
C LEU B 43 1.36 -3.14 -7.65
N GLY B 44 1.67 -2.58 -6.50
CA GLY B 44 2.47 -1.37 -6.43
C GLY B 44 1.69 -0.09 -6.55
N MET B 45 2.45 0.98 -6.66
CA MET B 45 1.89 2.34 -6.76
C MET B 45 1.51 2.58 -8.20
N LYS B 46 0.39 3.23 -8.40
CA LYS B 46 -0.07 3.57 -9.75
C LYS B 46 -0.63 5.00 -9.78
N GLN B 47 -0.54 5.61 -10.96
CA GLN B 47 -1.11 6.94 -11.22
C GLN B 47 -2.46 6.87 -11.92
N SER B 48 -3.30 7.87 -11.68
CA SER B 48 -4.51 8.02 -12.43
C SER B 48 -4.83 9.48 -12.57
N SER B 49 -5.42 9.87 -13.70
CA SER B 49 -5.98 11.18 -13.88
C SER B 49 -7.49 11.02 -13.82
N ALA B 50 -8.16 11.77 -12.96
CA ALA B 50 -9.59 11.55 -12.73
C ALA B 50 -10.33 12.87 -12.86
N GLN B 51 -11.46 12.89 -13.60
CA GLN B 51 -12.21 14.13 -13.83
C GLN B 51 -13.20 14.27 -12.70
N ILE B 52 -12.67 14.52 -11.50
CA ILE B 52 -13.46 14.49 -10.27
C ILE B 52 -13.42 15.83 -9.53
N THR B 53 -13.23 16.93 -10.29
CA THR B 53 -13.14 18.22 -9.68
C THR B 53 -14.47 18.81 -9.22
N LYS B 54 -15.60 18.32 -9.70
CA LYS B 54 -16.89 18.88 -9.29
C LYS B 54 -17.09 18.78 -7.79
N ARG B 55 -16.77 17.59 -7.22
CA ARG B 55 -17.09 17.32 -5.82
C ARG B 55 -15.89 17.14 -4.89
N TYR B 56 -14.69 16.97 -5.46
CA TYR B 56 -13.54 16.57 -4.67
C TYR B 56 -12.46 17.61 -4.76
N ASN B 57 -11.95 17.96 -3.59
CA ASN B 57 -10.75 18.78 -3.48
C ASN B 57 -9.59 17.85 -3.21
N PRO B 58 -8.44 18.08 -3.85
CA PRO B 58 -7.32 17.17 -3.64
C PRO B 58 -6.99 16.81 -2.15
N GLU B 59 -7.15 17.77 -1.25
CA GLU B 59 -6.96 17.55 0.21
C GLU B 59 -7.84 16.42 0.77
N ASP B 60 -9.10 16.46 0.36
CA ASP B 60 -10.16 15.53 0.79
C ASP B 60 -9.78 14.12 0.52
N LEU B 61 -8.92 13.90 -0.46
CA LEU B 61 -8.78 12.58 -1.02
C LEU B 61 -7.69 11.69 -0.40
N ILE B 62 -6.78 12.28 0.38
CA ILE B 62 -5.69 11.45 0.90
C ILE B 62 -6.25 10.45 1.90
N GLY B 63 -5.95 9.17 1.65
CA GLY B 63 -6.46 8.05 2.41
C GLY B 63 -7.81 7.53 1.98
N GLN B 64 -8.41 8.15 0.98
CA GLN B 64 -9.65 7.66 0.36
C GLN B 64 -9.32 6.37 -0.35
N GLN B 65 -10.13 5.33 -0.12
CA GLN B 65 -10.05 4.09 -0.90
C GLN B 65 -11.00 4.17 -2.08
N ILE B 66 -10.45 3.84 -3.23
CA ILE B 66 -11.15 3.82 -4.49
C ILE B 66 -11.19 2.43 -5.14
N VAL B 67 -11.91 2.35 -6.26
CA VAL B 67 -12.06 1.15 -7.11
C VAL B 67 -11.55 1.45 -8.47
N ALA B 68 -10.62 0.64 -9.03
CA ALA B 68 -10.08 0.96 -10.32
C ALA B 68 -9.90 -0.27 -11.15
N VAL B 69 -10.02 -0.11 -12.45
CA VAL B 69 -9.60 -1.16 -13.37
C VAL B 69 -8.10 -0.92 -13.64
N VAL B 70 -7.27 -1.92 -13.38
CA VAL B 70 -5.81 -1.72 -13.37
C VAL B 70 -5.07 -2.29 -14.57
N ASN B 71 -5.76 -2.94 -15.48
CA ASN B 71 -5.09 -3.64 -16.54
C ASN B 71 -5.48 -3.21 -17.95
N PHE B 72 -5.86 -1.95 -18.13
CA PHE B 72 -5.95 -1.34 -19.45
C PHE B 72 -4.58 -0.75 -19.83
N PRO B 73 -4.36 -0.54 -21.12
CA PRO B 73 -3.14 0.20 -21.52
C PRO B 73 -3.18 1.60 -20.90
N PRO B 74 -2.04 2.17 -20.56
CA PRO B 74 -2.00 3.52 -20.03
C PRO B 74 -2.42 4.57 -21.06
N LYS B 75 -2.81 5.73 -20.56
CA LYS B 75 -3.11 6.88 -21.39
C LYS B 75 -2.45 8.09 -20.79
N ARG B 76 -2.11 9.05 -21.63
CA ARG B 76 -1.55 10.30 -21.15
C ARG B 76 -2.61 11.39 -21.22
N VAL B 77 -2.76 12.12 -20.11
CA VAL B 77 -3.70 13.22 -19.98
C VAL B 77 -2.89 14.44 -19.58
N ALA B 78 -2.85 15.45 -20.47
CA ALA B 78 -1.98 16.62 -20.25
C ALA B 78 -0.54 16.21 -19.82
N GLY B 79 -0.03 15.17 -20.46
CA GLY B 79 1.31 14.66 -20.20
C GLY B 79 1.44 13.66 -19.05
N PHE B 80 0.41 13.56 -18.19
CA PHE B 80 0.43 12.73 -16.99
C PHE B 80 0.01 11.33 -17.36
N LYS B 81 0.82 10.36 -16.99
CA LYS B 81 0.53 8.96 -17.24
C LYS B 81 -0.59 8.46 -16.34
N SER B 82 -1.72 8.10 -16.94
CA SER B 82 -2.82 7.52 -16.19
C SER B 82 -2.81 6.02 -16.45
N GLU B 83 -2.62 5.25 -15.40
CA GLU B 83 -2.37 3.82 -15.46
C GLU B 83 -3.56 2.95 -15.07
N VAL B 84 -4.48 3.56 -14.36
CA VAL B 84 -5.67 2.85 -13.87
C VAL B 84 -6.87 3.72 -14.10
N LEU B 85 -8.05 3.11 -14.27
CA LEU B 85 -9.29 3.81 -14.43
C LEU B 85 -10.07 3.78 -13.16
N VAL B 86 -10.18 4.94 -12.51
CA VAL B 86 -10.89 5.08 -11.23
C VAL B 86 -12.39 5.21 -11.51
N LEU B 87 -13.19 4.38 -10.87
CA LEU B 87 -14.61 4.23 -11.21
C LEU B 87 -15.46 5.14 -10.34
N GLY B 88 -16.51 5.70 -10.94
CA GLY B 88 -17.44 6.62 -10.24
C GLY B 88 -18.78 6.59 -10.88
N GLY B 89 -19.78 7.00 -10.14
CA GLY B 89 -21.10 7.24 -10.69
C GLY B 89 -21.25 8.63 -11.25
N VAL B 90 -21.97 8.75 -12.34
CA VAL B 90 -22.14 10.02 -13.02
C VAL B 90 -23.63 10.40 -13.10
N PRO B 91 -24.14 11.23 -12.16
CA PRO B 91 -25.57 11.53 -12.13
C PRO B 91 -25.94 12.64 -13.10
N GLU B 92 -24.95 13.39 -13.54
CA GLU B 92 -25.14 14.44 -14.52
C GLU B 92 -23.80 14.71 -15.16
N ALA B 93 -23.79 15.29 -16.37
CA ALA B 93 -22.54 15.44 -17.09
C ALA B 93 -21.58 16.30 -16.27
N GLY B 94 -20.33 15.86 -16.18
CA GLY B 94 -19.28 16.65 -15.51
C GLY B 94 -19.17 16.31 -14.04
N ASP B 95 -20.09 15.49 -13.52
CA ASP B 95 -20.17 15.20 -12.10
C ASP B 95 -19.74 13.79 -11.89
N VAL B 96 -19.04 13.56 -10.79
CA VAL B 96 -18.61 12.17 -10.45
C VAL B 96 -18.72 12.02 -8.97
N VAL B 97 -19.26 10.88 -8.54
CA VAL B 97 -19.16 10.44 -7.13
C VAL B 97 -18.30 9.15 -7.15
N LEU B 98 -17.22 9.13 -6.37
CA LEU B 98 -16.36 7.95 -6.38
C LEU B 98 -17.04 6.73 -5.79
N LEU B 99 -16.72 5.53 -6.32
CA LEU B 99 -17.02 4.28 -5.61
C LEU B 99 -15.98 4.05 -4.52
N GLN B 100 -16.39 3.38 -3.47
CA GLN B 100 -15.49 3.01 -2.40
C GLN B 100 -15.94 1.72 -1.75
N PRO B 101 -15.03 1.01 -1.06
CA PRO B 101 -15.53 -0.09 -0.21
C PRO B 101 -16.28 0.47 1.00
N ASN B 102 -17.27 -0.26 1.49
CA ASN B 102 -18.04 0.18 2.65
C ASN B 102 -17.27 0.13 3.99
N MET B 103 -16.18 -0.62 3.99
CA MET B 103 -15.31 -0.85 5.10
CA MET B 103 -15.27 -0.69 5.14
C MET B 103 -13.87 -0.84 4.55
N GLU B 104 -12.84 -0.50 5.34
CA GLU B 104 -11.44 -0.48 4.83
C GLU B 104 -11.04 -1.90 4.37
N LEU B 105 -10.38 -1.97 3.23
CA LEU B 105 -9.87 -3.22 2.73
C LEU B 105 -8.34 -3.12 2.53
N PRO B 106 -7.67 -4.28 2.45
CA PRO B 106 -6.28 -4.27 2.08
C PRO B 106 -6.09 -3.72 0.68
N ASN B 107 -5.07 -2.89 0.49
CA ASN B 107 -4.77 -2.41 -0.83
C ASN B 107 -4.50 -3.57 -1.79
N GLY B 108 -5.00 -3.49 -3.03
CA GLY B 108 -4.89 -4.59 -3.96
C GLY B 108 -5.96 -5.65 -3.88
N THR B 109 -6.90 -5.50 -2.95
CA THR B 109 -8.02 -6.45 -2.88
C THR B 109 -8.76 -6.51 -4.21
N LYS B 110 -9.02 -7.73 -4.65
CA LYS B 110 -9.76 -7.95 -5.88
C LYS B 110 -11.25 -7.85 -5.69
N ILE B 111 -11.94 -7.30 -6.69
CA ILE B 111 -13.39 -7.14 -6.71
C ILE B 111 -14.03 -8.22 -7.60
N SER B 112 -15.13 -8.77 -7.13
CA SER B 112 -15.90 -9.69 -7.92
C SER B 112 -17.38 -9.67 -7.59
C1 EDO C . 16.37 -9.05 6.25
O1 EDO C . 16.42 -10.45 5.98
C2 EDO C . 17.29 -8.24 5.33
O2 EDO C . 17.42 -8.69 3.98
S SO4 D . 3.32 17.37 -0.87
O1 SO4 D . 3.71 18.75 -0.54
O2 SO4 D . 4.44 16.43 -0.80
O3 SO4 D . 2.28 16.88 0.01
O4 SO4 D . 3.00 17.41 -2.30
C1 GOL E . -11.14 9.89 -17.51
O1 GOL E . -9.88 10.37 -17.06
C2 GOL E . -11.99 9.31 -16.37
O2 GOL E . -11.24 8.46 -15.52
C3 GOL E . -12.63 10.44 -15.57
O3 GOL E . -12.50 10.23 -14.18
C1 GOL F . -0.31 12.97 -25.39
O1 GOL F . 0.72 12.10 -25.81
C2 GOL F . 0.19 13.87 -24.26
O2 GOL F . 1.20 13.25 -23.47
C3 GOL F . -0.95 14.25 -23.36
O3 GOL F . -0.59 15.48 -22.78
#